data_6UQD
#
_entry.id   6UQD
#
_cell.length_a   45.624
_cell.length_b   115.516
_cell.length_c   50.265
_cell.angle_alpha   90.000
_cell.angle_beta   112.580
_cell.angle_gamma   90.000
#
_symmetry.space_group_name_H-M   'P 1 21 1'
#
loop_
_entity.id
_entity.type
_entity.pdbx_description
1 polymer Streptopain
2 non-polymer 'benzyl [(1S)-2-(3-{[(4-carbamoylpiperidin-1-yl)(fluoro)oxo-lambda~6~-sulfanylidene]amino}phenyl)-1-cyanoethyl]carbamate'
3 water water
#
_entity_poly.entity_id   1
_entity_poly.type   'polypeptide(L)'
_entity_poly.pdbx_seq_one_letter_code
;MDQNFARNEKEAKDSAITFIQKSAAIKAGARSAEDIKLDKVNLGGELSGSNMYVYNISTGGFVIVSGDKRSPEILGYSTS
GSFDANGKENIASFMESYVEQIKENKKLDTTYAGTAEIKQPVVKSLLNSKGIHYNQGNPYNLLTPVIEKVKPGEQSFVGQ
HAATGCVATATAQIMKYHNYPNKGLKDYTYTLSSNNPYFNHPKNLFAAISTRQYNWNNILPTYSGRESNVQKMAISELMA
DVGISVDMDYGPSSGSAGSSRVQRALKENFGYNQSVHQINRSDFSKQDWEAQIDKELSQNQPVYYQGVGKVGGHAFVIDG
ADGRNFYHVNWGWGGVSDGFFRLDALNPSALGTGGGAGGFNGYQSAVVGIKPLEHHHHHH
;
_entity_poly.pdbx_strand_id   A,B
#
# COMPACT_ATOMS: atom_id res chain seq x y z
N GLN A 120 -5.33 -8.44 -21.26
CA GLN A 120 -6.24 -8.76 -20.17
C GLN A 120 -6.77 -10.19 -20.30
N PRO A 121 -6.72 -10.94 -19.21
CA PRO A 121 -7.23 -12.32 -19.24
C PRO A 121 -8.73 -12.35 -19.00
N VAL A 122 -9.34 -13.46 -19.41
CA VAL A 122 -10.76 -13.71 -19.16
C VAL A 122 -10.86 -14.63 -17.94
N VAL A 123 -11.58 -14.17 -16.93
CA VAL A 123 -11.79 -14.93 -15.69
C VAL A 123 -13.27 -14.87 -15.36
N LYS A 124 -13.94 -16.01 -15.37
CA LYS A 124 -15.34 -16.04 -14.98
C LYS A 124 -15.46 -15.77 -13.49
N SER A 125 -16.60 -15.21 -13.09
CA SER A 125 -16.76 -14.65 -11.76
C SER A 125 -16.47 -15.69 -10.69
N LEU A 126 -15.51 -15.37 -9.81
CA LEU A 126 -15.05 -16.33 -8.82
C LEU A 126 -16.10 -16.55 -7.73
N LEU A 127 -16.81 -15.50 -7.34
CA LEU A 127 -17.84 -15.64 -6.31
C LEU A 127 -19.03 -16.41 -6.83
N ASN A 128 -19.46 -16.14 -8.06
CA ASN A 128 -20.57 -16.88 -8.65
C ASN A 128 -20.28 -18.37 -8.72
N SER A 129 -19.02 -18.73 -9.01
CA SER A 129 -18.64 -20.13 -9.10
C SER A 129 -18.80 -20.87 -7.78
N LYS A 130 -18.87 -20.15 -6.66
CA LYS A 130 -19.06 -20.76 -5.36
C LYS A 130 -20.40 -20.39 -4.72
N GLY A 131 -21.28 -19.73 -5.48
CA GLY A 131 -22.60 -19.38 -4.97
C GLY A 131 -22.60 -18.36 -3.86
N ILE A 132 -21.56 -17.54 -3.75
CA ILE A 132 -21.43 -16.58 -2.66
C ILE A 132 -22.20 -15.31 -3.02
N HIS A 133 -23.25 -15.02 -2.25
CA HIS A 133 -24.06 -13.82 -2.47
C HIS A 133 -24.57 -13.36 -1.11
N TYR A 134 -23.89 -12.37 -0.53
CA TYR A 134 -24.26 -11.83 0.77
C TYR A 134 -24.96 -10.48 0.62
N ASN A 135 -25.60 -10.05 1.70
CA ASN A 135 -26.31 -8.78 1.74
C ASN A 135 -26.04 -8.13 3.10
N GLN A 136 -26.75 -7.04 3.38
CA GLN A 136 -26.56 -6.28 4.62
C GLN A 136 -27.68 -6.43 5.63
N GLY A 137 -28.86 -6.85 5.21
CA GLY A 137 -30.00 -7.03 6.09
C GLY A 137 -30.05 -8.41 6.70
N ASN A 138 -31.25 -8.85 7.03
CA ASN A 138 -31.44 -10.17 7.61
C ASN A 138 -31.13 -11.24 6.57
N PRO A 139 -30.56 -12.38 6.98
CA PRO A 139 -30.17 -12.72 8.36
C PRO A 139 -28.70 -12.43 8.65
N TYR A 140 -28.07 -11.58 7.82
CA TYR A 140 -26.66 -11.28 7.99
C TYR A 140 -26.38 -10.31 9.13
N ASN A 141 -27.38 -9.53 9.55
CA ASN A 141 -27.18 -8.49 10.54
C ASN A 141 -27.84 -8.81 11.88
N LEU A 142 -28.01 -10.09 12.20
CA LEU A 142 -28.71 -10.44 13.43
C LEU A 142 -27.86 -10.26 14.68
N LEU A 143 -26.57 -9.91 14.54
CA LEU A 143 -25.72 -9.64 15.68
C LEU A 143 -25.13 -8.23 15.65
N THR A 144 -25.58 -7.37 14.75
CA THR A 144 -25.16 -5.98 14.74
C THR A 144 -25.87 -5.21 15.85
N PRO A 145 -25.33 -4.06 16.25
CA PRO A 145 -25.97 -3.28 17.30
C PRO A 145 -27.39 -2.87 16.92
N VAL A 146 -28.28 -2.86 17.92
CA VAL A 146 -29.67 -2.48 17.73
C VAL A 146 -29.78 -0.97 17.84
N ILE A 147 -30.41 -0.35 16.84
CA ILE A 147 -30.52 1.11 16.80
C ILE A 147 -31.34 1.60 17.99
N GLU A 148 -30.86 2.67 18.64
CA GLU A 148 -31.43 3.15 19.89
C GLU A 148 -32.17 4.47 19.78
N LYS A 149 -31.90 5.28 18.76
CA LYS A 149 -32.47 6.62 18.66
C LYS A 149 -33.00 6.87 17.26
N VAL A 150 -33.88 7.86 17.17
CA VAL A 150 -34.44 8.33 15.89
C VAL A 150 -33.63 9.55 15.45
N LYS A 151 -33.05 9.48 14.26
CA LYS A 151 -32.44 10.66 13.68
C LYS A 151 -33.51 11.73 13.50
N PRO A 152 -33.29 12.95 14.00
CA PRO A 152 -34.38 13.94 14.08
C PRO A 152 -35.08 14.17 12.75
N GLY A 153 -36.41 14.08 12.76
CA GLY A 153 -37.23 14.28 11.58
C GLY A 153 -37.31 13.10 10.63
N GLU A 154 -36.50 12.07 10.83
CA GLU A 154 -36.45 10.90 9.98
C GLU A 154 -37.34 9.80 10.53
N GLN A 155 -37.83 8.93 9.64
CA GLN A 155 -38.56 7.76 10.08
C GLN A 155 -37.67 6.89 10.98
N SER A 156 -38.29 6.23 11.95
CA SER A 156 -37.57 5.59 13.03
C SER A 156 -37.10 4.20 12.65
N PHE A 157 -35.87 3.87 13.06
CA PHE A 157 -35.32 2.53 12.91
C PHE A 157 -35.00 1.90 14.26
N VAL A 158 -35.56 2.45 15.34
CA VAL A 158 -35.29 1.94 16.69
C VAL A 158 -35.84 0.53 16.82
N GLY A 159 -35.07 -0.33 17.49
CA GLY A 159 -35.43 -1.73 17.63
C GLY A 159 -34.95 -2.60 16.50
N GLN A 160 -34.43 -2.02 15.42
CA GLN A 160 -33.91 -2.77 14.29
C GLN A 160 -32.40 -2.89 14.40
N HIS A 161 -31.88 -4.03 13.97
CA HIS A 161 -30.43 -4.19 13.88
C HIS A 161 -29.89 -3.30 12.77
N ALA A 162 -28.72 -2.70 13.02
CA ALA A 162 -28.08 -1.89 12.01
C ALA A 162 -27.66 -2.73 10.82
N ALA A 163 -27.49 -2.06 9.68
CA ALA A 163 -26.94 -2.72 8.51
C ALA A 163 -25.50 -3.16 8.78
N THR A 164 -25.11 -4.28 8.17
CA THR A 164 -23.75 -4.77 8.35
C THR A 164 -22.71 -3.83 7.78
N GLY A 165 -23.08 -2.96 6.84
CA GLY A 165 -22.13 -2.14 6.13
C GLY A 165 -21.55 -2.85 4.93
N CYS A 166 -21.36 -2.13 3.82
CA CYS A 166 -20.84 -2.75 2.61
C CYS A 166 -19.38 -3.13 2.76
N VAL A 167 -18.64 -2.41 3.60
CA VAL A 167 -17.25 -2.77 3.88
C VAL A 167 -17.19 -4.16 4.50
N ALA A 168 -18.09 -4.44 5.44
CA ALA A 168 -18.10 -5.75 6.09
C ALA A 168 -18.65 -6.83 5.17
N THR A 169 -19.63 -6.49 4.34
CA THR A 169 -20.21 -7.49 3.44
C THR A 169 -19.23 -7.89 2.34
N ALA A 170 -18.55 -6.92 1.74
CA ALA A 170 -17.55 -7.25 0.72
C ALA A 170 -16.42 -8.08 1.31
N THR A 171 -15.95 -7.72 2.51
CA THR A 171 -14.88 -8.48 3.14
C THR A 171 -15.33 -9.89 3.50
N ALA A 172 -16.55 -10.02 4.02
CA ALA A 172 -17.05 -11.33 4.41
C ALA A 172 -17.23 -12.24 3.20
N GLN A 173 -17.62 -11.68 2.06
CA GLN A 173 -17.72 -12.47 0.84
C GLN A 173 -16.35 -12.99 0.42
N ILE A 174 -15.30 -12.18 0.59
CA ILE A 174 -13.95 -12.63 0.26
C ILE A 174 -13.49 -13.69 1.26
N MET A 175 -13.80 -13.50 2.54
CA MET A 175 -13.40 -14.47 3.55
C MET A 175 -14.08 -15.82 3.33
N LYS A 176 -15.35 -15.80 2.92
CA LYS A 176 -16.06 -17.05 2.63
C LYS A 176 -15.45 -17.76 1.44
N TYR A 177 -14.98 -17.01 0.43
CA TYR A 177 -14.35 -17.63 -0.72
C TYR A 177 -13.11 -18.41 -0.31
N HIS A 178 -12.37 -17.93 0.69
CA HIS A 178 -11.19 -18.62 1.18
C HIS A 178 -11.48 -19.57 2.33
N ASN A 179 -12.64 -19.45 2.97
CA ASN A 179 -13.02 -20.27 4.12
C ASN A 179 -11.94 -20.23 5.20
N TYR A 180 -11.63 -19.00 5.64
CA TYR A 180 -10.49 -18.74 6.50
C TYR A 180 -10.77 -17.47 7.29
N PRO A 181 -10.38 -17.37 8.57
CA PRO A 181 -9.66 -18.40 9.33
C PRO A 181 -10.56 -19.31 10.15
N ASN A 182 -10.00 -20.41 10.63
CA ASN A 182 -10.73 -21.27 11.55
C ASN A 182 -10.74 -20.71 12.97
N LYS A 183 -9.71 -19.92 13.31
CA LYS A 183 -9.62 -19.31 14.63
C LYS A 183 -9.14 -17.87 14.49
N GLY A 184 -9.79 -16.96 15.20
CA GLY A 184 -9.35 -15.58 15.21
C GLY A 184 -8.03 -15.40 15.92
N LEU A 185 -7.42 -14.24 15.71
CA LEU A 185 -6.09 -13.96 16.20
C LEU A 185 -6.03 -12.92 17.30
N LYS A 186 -6.90 -11.92 17.28
CA LYS A 186 -6.78 -10.81 18.21
C LYS A 186 -8.13 -10.10 18.35
N ASP A 187 -8.45 -9.69 19.57
CA ASP A 187 -9.67 -8.96 19.84
C ASP A 187 -9.61 -7.57 19.21
N TYR A 188 -10.74 -6.87 19.24
CA TYR A 188 -10.79 -5.50 18.76
C TYR A 188 -11.87 -4.72 19.50
N THR A 189 -11.57 -3.44 19.76
CA THR A 189 -12.49 -2.54 20.44
C THR A 189 -12.34 -1.15 19.82
N TYR A 190 -13.44 -0.39 19.83
CA TYR A 190 -13.41 1.00 19.40
C TYR A 190 -14.63 1.71 19.96
N THR A 191 -14.61 3.04 19.88
CA THR A 191 -15.68 3.89 20.38
C THR A 191 -16.40 4.52 19.19
N LEU A 192 -17.73 4.43 19.20
CA LEU A 192 -18.52 5.00 18.13
C LEU A 192 -18.27 6.50 18.01
N SER A 193 -18.32 7.01 16.78
CA SER A 193 -18.20 8.43 16.55
C SER A 193 -19.33 9.17 17.25
N SER A 194 -18.97 10.21 18.02
CA SER A 194 -19.98 11.02 18.69
C SER A 194 -20.93 11.71 17.72
N ASN A 195 -20.64 11.70 16.41
CA ASN A 195 -21.54 12.27 15.44
C ASN A 195 -22.74 11.37 15.16
N ASN A 196 -22.65 10.08 15.49
CA ASN A 196 -23.67 9.10 15.13
C ASN A 196 -24.99 9.38 15.82
N PRO A 197 -26.06 9.72 15.09
CA PRO A 197 -27.34 10.09 15.74
C PRO A 197 -28.21 8.90 16.11
N TYR A 198 -27.74 7.67 15.92
CA TYR A 198 -28.56 6.48 16.12
C TYR A 198 -28.28 5.76 17.43
N PHE A 199 -27.28 6.23 18.20
CA PHE A 199 -26.92 5.56 19.45
C PHE A 199 -26.60 6.61 20.50
N ASN A 200 -26.82 6.23 21.76
CA ASN A 200 -26.46 7.09 22.88
C ASN A 200 -24.97 7.00 23.15
N HIS A 201 -24.38 8.12 23.55
CA HIS A 201 -22.93 8.21 23.67
C HIS A 201 -22.51 8.41 25.12
N PRO A 202 -21.32 7.91 25.52
CA PRO A 202 -20.39 7.17 24.65
C PRO A 202 -20.80 5.72 24.45
N LYS A 203 -20.58 5.20 23.24
CA LYS A 203 -20.93 3.83 22.88
C LYS A 203 -19.68 3.10 22.42
N ASN A 204 -19.30 2.07 23.15
CA ASN A 204 -18.16 1.23 22.80
C ASN A 204 -18.65 -0.12 22.29
N LEU A 205 -17.89 -0.70 21.36
CA LEU A 205 -18.21 -2.01 20.79
C LEU A 205 -16.97 -2.91 20.89
N PHE A 206 -17.21 -4.19 21.14
CA PHE A 206 -16.13 -5.14 21.35
C PHE A 206 -16.45 -6.46 20.67
N ALA A 207 -15.43 -7.05 20.04
CA ALA A 207 -15.55 -8.36 19.38
C ALA A 207 -14.44 -9.26 19.88
N ALA A 208 -14.82 -10.36 20.51
CA ALA A 208 -13.85 -11.33 21.04
C ALA A 208 -13.43 -12.27 19.91
N ILE A 209 -12.64 -11.72 18.99
CA ILE A 209 -12.23 -12.48 17.81
C ILE A 209 -11.21 -13.55 18.18
N SER A 210 -10.36 -13.30 19.18
CA SER A 210 -9.31 -14.25 19.52
C SER A 210 -9.85 -15.57 20.07
N THR A 211 -11.11 -15.60 20.52
CA THR A 211 -11.73 -16.81 21.04
C THR A 211 -12.66 -17.48 20.05
N ARG A 212 -12.67 -17.03 18.79
CA ARG A 212 -13.65 -17.49 17.82
C ARG A 212 -13.19 -18.78 17.15
N GLN A 213 -14.10 -19.74 17.04
CA GLN A 213 -13.90 -20.96 16.25
C GLN A 213 -14.88 -20.89 15.08
N TYR A 214 -14.46 -20.24 14.00
CA TYR A 214 -15.33 -20.08 12.84
C TYR A 214 -15.57 -21.43 12.18
N ASN A 215 -16.83 -21.85 12.15
CA ASN A 215 -17.24 -23.09 11.48
C ASN A 215 -17.71 -22.70 10.09
N TRP A 216 -16.83 -22.84 9.10
CA TRP A 216 -17.13 -22.40 7.75
C TRP A 216 -18.09 -23.35 7.03
N ASN A 217 -18.41 -24.50 7.62
CA ASN A 217 -19.47 -25.33 7.08
C ASN A 217 -20.85 -24.85 7.51
N ASN A 218 -20.93 -24.08 8.59
CA ASN A 218 -22.17 -23.41 8.97
C ASN A 218 -22.32 -22.03 8.36
N ILE A 219 -21.22 -21.41 7.94
CA ILE A 219 -21.27 -20.14 7.24
C ILE A 219 -21.55 -20.43 5.76
N LEU A 220 -22.81 -20.38 5.37
CA LEU A 220 -23.24 -20.79 4.05
C LEU A 220 -22.88 -19.73 3.00
N PRO A 221 -22.76 -20.14 1.73
CA PRO A 221 -22.42 -19.15 0.69
C PRO A 221 -23.51 -18.11 0.47
N THR A 222 -24.78 -18.42 0.76
CA THR A 222 -25.86 -17.47 0.61
C THR A 222 -27.03 -17.91 1.46
N TYR A 223 -27.89 -16.95 1.80
CA TYR A 223 -29.00 -17.17 2.73
C TYR A 223 -30.28 -16.62 2.12
N SER A 224 -31.34 -17.43 2.13
CA SER A 224 -32.65 -17.00 1.65
C SER A 224 -33.71 -17.04 2.75
N GLY A 225 -33.32 -17.31 3.98
CA GLY A 225 -34.24 -17.38 5.10
C GLY A 225 -34.64 -18.78 5.51
N ARG A 226 -34.44 -19.77 4.64
CA ARG A 226 -34.79 -21.14 4.93
C ARG A 226 -33.77 -21.86 5.79
N GLU A 227 -32.72 -21.17 6.23
CA GLU A 227 -31.59 -21.80 6.89
C GLU A 227 -31.85 -22.02 8.37
N SER A 228 -31.06 -22.90 8.96
CA SER A 228 -31.15 -23.11 10.40
C SER A 228 -30.64 -21.89 11.15
N ASN A 229 -31.09 -21.75 12.40
CA ASN A 229 -30.62 -20.64 13.22
C ASN A 229 -29.16 -20.79 13.61
N VAL A 230 -28.64 -22.03 13.63
CA VAL A 230 -27.19 -22.22 13.80
C VAL A 230 -26.45 -21.62 12.62
N GLN A 231 -26.99 -21.79 11.41
CA GLN A 231 -26.36 -21.22 10.22
C GLN A 231 -26.56 -19.71 10.15
N LYS A 232 -27.72 -19.21 10.57
CA LYS A 232 -27.95 -17.78 10.55
C LYS A 232 -27.07 -17.07 11.58
N MET A 233 -26.90 -17.65 12.76
CA MET A 233 -26.03 -17.05 13.77
C MET A 233 -24.57 -17.15 13.37
N ALA A 234 -24.22 -18.15 12.55
CA ALA A 234 -22.83 -18.28 12.12
C ALA A 234 -22.41 -17.13 11.22
N ILE A 235 -23.27 -16.76 10.25
CA ILE A 235 -22.92 -15.65 9.36
C ILE A 235 -23.09 -14.31 10.09
N SER A 236 -24.06 -14.20 10.99
CA SER A 236 -24.22 -12.98 11.76
C SER A 236 -23.02 -12.76 12.69
N GLU A 237 -22.44 -13.85 13.19
CA GLU A 237 -21.21 -13.77 13.97
C GLU A 237 -20.09 -13.15 13.15
N LEU A 238 -19.86 -13.67 11.94
CA LEU A 238 -18.80 -13.16 11.08
C LEU A 238 -19.05 -11.71 10.69
N MET A 239 -20.29 -11.40 10.26
CA MET A 239 -20.61 -10.05 9.81
C MET A 239 -20.39 -9.02 10.92
N ALA A 240 -20.76 -9.36 12.15
CA ALA A 240 -20.58 -8.42 13.25
C ALA A 240 -19.10 -8.32 13.65
N ASP A 241 -18.39 -9.45 13.65
CA ASP A 241 -16.96 -9.43 13.96
C ASP A 241 -16.19 -8.58 12.93
N VAL A 242 -16.48 -8.78 11.65
CA VAL A 242 -15.80 -8.02 10.60
C VAL A 242 -16.14 -6.55 10.71
N GLY A 243 -17.41 -6.23 10.95
CA GLY A 243 -17.82 -4.83 11.05
C GLY A 243 -17.16 -4.11 12.20
N ILE A 244 -17.11 -4.74 13.38
CA ILE A 244 -16.42 -4.13 14.52
C ILE A 244 -14.94 -3.95 14.19
N SER A 245 -14.35 -4.91 13.46
CA SER A 245 -12.94 -4.85 13.15
C SER A 245 -12.58 -3.68 12.24
N VAL A 246 -13.56 -3.04 11.60
CA VAL A 246 -13.27 -1.94 10.68
C VAL A 246 -13.93 -0.65 11.16
N ASP A 247 -14.14 -0.53 12.48
CA ASP A 247 -14.62 0.70 13.10
C ASP A 247 -15.95 1.15 12.46
N MET A 248 -16.87 0.21 12.31
CA MET A 248 -18.10 0.49 11.56
C MET A 248 -18.96 1.52 12.27
N ASP A 249 -19.37 2.54 11.52
CA ASP A 249 -20.32 3.55 12.01
C ASP A 249 -21.72 3.03 11.71
N TYR A 250 -22.35 2.42 12.71
CA TYR A 250 -23.56 1.65 12.49
C TYR A 250 -24.79 2.55 12.36
N GLY A 251 -25.78 2.05 11.62
CA GLY A 251 -27.04 2.72 11.43
C GLY A 251 -27.90 1.96 10.45
N PRO A 252 -29.03 2.54 10.03
CA PRO A 252 -29.82 1.91 8.96
C PRO A 252 -28.99 1.68 7.71
N SER A 253 -28.09 2.60 7.39
CA SER A 253 -26.94 2.34 6.55
C SER A 253 -25.69 2.49 7.41
N SER A 254 -24.70 1.65 7.17
CA SER A 254 -23.51 1.57 8.02
C SER A 254 -22.25 1.88 7.22
N GLY A 255 -21.45 2.83 7.70
CA GLY A 255 -20.27 3.27 6.97
C GLY A 255 -18.93 2.97 7.62
N SER A 256 -17.87 2.95 6.82
CA SER A 256 -16.54 2.64 7.31
C SER A 256 -15.50 3.32 6.42
N ALA A 257 -14.30 3.52 6.98
CA ALA A 257 -13.22 4.12 6.21
C ALA A 257 -12.78 3.23 5.07
N GLY A 258 -12.95 1.92 5.21
CA GLY A 258 -12.80 1.00 4.09
C GLY A 258 -11.40 0.39 4.02
N SER A 259 -10.72 0.64 2.90
CA SER A 259 -9.52 -0.14 2.55
C SER A 259 -8.46 -0.11 3.65
N SER A 260 -8.21 1.08 4.21
CA SER A 260 -7.13 1.22 5.19
C SER A 260 -7.36 0.35 6.42
N ARG A 261 -8.62 0.16 6.82
CA ARG A 261 -8.92 -0.68 7.97
C ARG A 261 -9.14 -2.13 7.59
N VAL A 262 -9.57 -2.39 6.35
CA VAL A 262 -9.74 -3.76 5.89
C VAL A 262 -8.40 -4.49 5.85
N GLN A 263 -7.37 -3.82 5.32
CA GLN A 263 -6.06 -4.45 5.23
C GLN A 263 -5.50 -4.76 6.62
N ARG A 264 -5.70 -3.86 7.57
CA ARG A 264 -5.20 -4.09 8.93
C ARG A 264 -5.97 -5.22 9.61
N ALA A 265 -7.31 -5.21 9.49
CA ALA A 265 -8.12 -6.20 10.17
C ALA A 265 -7.87 -7.60 9.63
N LEU A 266 -7.73 -7.75 8.32
CA LEU A 266 -7.50 -9.07 7.74
C LEU A 266 -6.19 -9.67 8.21
N LYS A 267 -5.17 -8.83 8.44
CA LYS A 267 -3.87 -9.33 8.86
C LYS A 267 -3.81 -9.55 10.36
N GLU A 268 -4.17 -8.53 11.15
CA GLU A 268 -3.92 -8.59 12.59
C GLU A 268 -5.02 -9.35 13.33
N ASN A 269 -6.28 -9.18 12.94
CA ASN A 269 -7.37 -9.83 13.66
C ASN A 269 -7.70 -11.20 13.11
N PHE A 270 -7.58 -11.41 11.80
CA PHE A 270 -7.99 -12.67 11.19
C PHE A 270 -6.82 -13.44 10.57
N GLY A 271 -5.59 -12.94 10.70
CA GLY A 271 -4.43 -13.72 10.33
C GLY A 271 -4.28 -14.04 8.86
N TYR A 272 -4.73 -13.16 7.98
CA TYR A 272 -4.46 -13.36 6.56
C TYR A 272 -2.99 -13.04 6.27
N ASN A 273 -2.58 -13.33 5.04
CA ASN A 273 -1.16 -13.28 4.69
C ASN A 273 -0.61 -11.86 4.75
N GLN A 274 0.70 -11.77 4.95
CA GLN A 274 1.41 -10.49 4.90
C GLN A 274 1.26 -9.81 3.56
N SER A 275 0.88 -10.54 2.51
CA SER A 275 0.70 -9.98 1.18
C SER A 275 -0.46 -9.01 1.09
N VAL A 276 -1.32 -8.95 2.11
CA VAL A 276 -2.48 -8.05 2.06
C VAL A 276 -2.01 -6.62 2.18
N HIS A 277 -2.47 -5.76 1.28
CA HIS A 277 -2.14 -4.34 1.34
C HIS A 277 -3.12 -3.55 0.49
N GLN A 278 -3.24 -2.26 0.79
CA GLN A 278 -4.10 -1.36 0.05
C GLN A 278 -3.30 -0.66 -1.06
N ILE A 279 -3.95 -0.52 -2.22
CA ILE A 279 -3.40 0.24 -3.34
C ILE A 279 -4.40 1.32 -3.73
N ASN A 280 -3.90 2.51 -4.00
CA ASN A 280 -4.72 3.65 -4.34
C ASN A 280 -4.63 3.95 -5.83
N ARG A 281 -5.78 4.26 -6.44
CA ARG A 281 -5.85 4.47 -7.88
C ARG A 281 -4.93 5.61 -8.33
N SER A 282 -4.78 6.65 -7.50
CA SER A 282 -3.99 7.81 -7.87
C SER A 282 -2.50 7.51 -7.95
N ASP A 283 -2.06 6.33 -7.54
CA ASP A 283 -0.64 5.98 -7.52
C ASP A 283 -0.18 5.28 -8.80
N PHE A 284 -1.07 5.09 -9.78
CA PHE A 284 -0.76 4.26 -10.92
C PHE A 284 -1.30 4.88 -12.20
N SER A 285 -0.73 4.44 -13.32
CA SER A 285 -1.39 4.61 -14.60
C SER A 285 -2.61 3.71 -14.68
N LYS A 286 -3.44 3.93 -15.69
CA LYS A 286 -4.58 3.05 -15.90
C LYS A 286 -4.12 1.63 -16.22
N GLN A 287 -3.07 1.49 -17.03
CA GLN A 287 -2.59 0.17 -17.40
C GLN A 287 -2.01 -0.57 -16.19
N ASP A 288 -1.21 0.11 -15.37
CA ASP A 288 -0.63 -0.54 -14.21
C ASP A 288 -1.68 -0.89 -13.18
N TRP A 289 -2.68 -0.01 -12.99
CA TRP A 289 -3.75 -0.28 -12.04
C TRP A 289 -4.54 -1.51 -12.43
N GLU A 290 -4.95 -1.59 -13.70
CA GLU A 290 -5.68 -2.76 -14.18
C GLU A 290 -4.81 -4.01 -14.14
N ALA A 291 -3.50 -3.85 -14.30
CA ALA A 291 -2.61 -5.01 -14.24
C ALA A 291 -2.58 -5.61 -12.84
N GLN A 292 -2.71 -4.78 -11.80
CA GLN A 292 -2.80 -5.29 -10.44
C GLN A 292 -4.04 -6.15 -10.25
N ILE A 293 -5.18 -5.64 -10.72
CA ILE A 293 -6.44 -6.39 -10.60
C ILE A 293 -6.36 -7.69 -11.39
N ASP A 294 -5.81 -7.62 -12.61
CA ASP A 294 -5.73 -8.81 -13.47
C ASP A 294 -4.86 -9.89 -12.84
N LYS A 295 -3.79 -9.50 -12.15
CA LYS A 295 -2.91 -10.48 -11.54
C LYS A 295 -3.61 -11.21 -10.41
N GLU A 296 -4.38 -10.49 -9.58
CA GLU A 296 -5.09 -11.12 -8.48
C GLU A 296 -6.12 -12.12 -9.00
N LEU A 297 -6.90 -11.73 -9.99
CA LEU A 297 -7.95 -12.60 -10.51
C LEU A 297 -7.36 -13.87 -11.12
N SER A 298 -6.24 -13.75 -11.83
CA SER A 298 -5.58 -14.93 -12.39
CA SER A 298 -5.58 -14.93 -12.39
C SER A 298 -4.96 -15.81 -11.32
N GLN A 299 -4.80 -15.31 -10.10
CA GLN A 299 -4.37 -16.12 -8.96
C GLN A 299 -5.54 -16.67 -8.17
N ASN A 300 -6.75 -16.60 -8.72
CA ASN A 300 -7.98 -17.04 -8.03
C ASN A 300 -8.17 -16.30 -6.72
N GLN A 301 -7.88 -15.00 -6.72
CA GLN A 301 -7.99 -14.16 -5.53
C GLN A 301 -8.88 -12.96 -5.81
N PRO A 302 -10.11 -12.95 -5.31
CA PRO A 302 -10.98 -11.78 -5.51
C PRO A 302 -10.39 -10.53 -4.85
N VAL A 303 -10.85 -9.38 -5.32
CA VAL A 303 -10.26 -8.10 -4.97
C VAL A 303 -11.31 -7.23 -4.29
N TYR A 304 -10.95 -6.69 -3.12
CA TYR A 304 -11.74 -5.66 -2.47
C TYR A 304 -11.55 -4.33 -3.19
N TYR A 305 -12.64 -3.58 -3.35
CA TYR A 305 -12.61 -2.36 -4.15
C TYR A 305 -13.59 -1.35 -3.54
N GLN A 306 -13.27 -0.07 -3.69
CA GLN A 306 -14.16 0.97 -3.20
C GLN A 306 -13.93 2.26 -3.98
N GLY A 307 -14.99 3.07 -4.06
CA GLY A 307 -14.94 4.34 -4.74
C GLY A 307 -16.01 5.26 -4.19
N VAL A 308 -15.96 6.53 -4.61
CA VAL A 308 -16.84 7.58 -4.10
C VAL A 308 -17.56 8.23 -5.25
N GLY A 309 -18.86 8.50 -5.06
CA GLY A 309 -19.65 9.26 -6.00
C GLY A 309 -20.30 10.46 -5.33
N LYS A 310 -21.24 11.10 -6.03
CA LYS A 310 -21.90 12.27 -5.45
C LYS A 310 -22.66 11.91 -4.18
N VAL A 311 -23.29 10.73 -4.15
CA VAL A 311 -24.06 10.32 -2.97
C VAL A 311 -23.21 9.75 -1.86
N GLY A 312 -21.94 9.46 -2.12
CA GLY A 312 -21.05 8.93 -1.11
C GLY A 312 -20.26 7.77 -1.66
N GLY A 313 -19.68 6.99 -0.75
CA GLY A 313 -18.82 5.89 -1.11
C GLY A 313 -19.48 4.53 -0.95
N HIS A 314 -18.89 3.54 -1.60
CA HIS A 314 -19.37 2.17 -1.57
C HIS A 314 -18.19 1.24 -1.70
N ALA A 315 -18.28 0.10 -1.03
CA ALA A 315 -17.27 -0.95 -1.09
C ALA A 315 -17.87 -2.20 -1.70
N PHE A 316 -17.10 -2.90 -2.52
CA PHE A 316 -17.61 -4.04 -3.27
C PHE A 316 -16.45 -4.96 -3.61
N VAL A 317 -16.72 -5.97 -4.43
CA VAL A 317 -15.75 -7.01 -4.76
C VAL A 317 -15.64 -7.12 -6.27
N ILE A 318 -14.40 -7.16 -6.78
CA ILE A 318 -14.12 -7.51 -8.17
C ILE A 318 -13.70 -8.97 -8.20
N ASP A 319 -14.37 -9.77 -9.03
CA ASP A 319 -14.10 -11.21 -9.05
C ASP A 319 -14.09 -11.79 -10.47
N GLY A 320 -14.05 -10.96 -11.50
CA GLY A 320 -14.04 -11.46 -12.86
C GLY A 320 -13.56 -10.40 -13.83
N ALA A 321 -13.26 -10.85 -15.05
CA ALA A 321 -12.79 -9.98 -16.12
C ALA A 321 -13.20 -10.58 -17.46
N ASP A 322 -13.72 -9.74 -18.34
CA ASP A 322 -14.19 -10.16 -19.65
C ASP A 322 -13.07 -10.19 -20.69
N GLY A 323 -11.86 -9.76 -20.33
CA GLY A 323 -10.76 -9.69 -21.27
C GLY A 323 -10.76 -8.50 -22.19
N ARG A 324 -11.73 -7.58 -22.04
CA ARG A 324 -11.80 -6.37 -22.84
C ARG A 324 -12.04 -5.15 -21.94
N ASN A 325 -11.42 -5.16 -20.75
CA ASN A 325 -11.41 -4.06 -19.81
C ASN A 325 -12.75 -3.85 -19.11
N PHE A 326 -13.64 -4.84 -19.15
CA PHE A 326 -14.80 -4.88 -18.29
C PHE A 326 -14.56 -5.88 -17.16
N TYR A 327 -14.95 -5.51 -15.96
CA TYR A 327 -14.71 -6.33 -14.77
C TYR A 327 -16.03 -6.67 -14.10
N HIS A 328 -16.15 -7.91 -13.62
CA HIS A 328 -17.36 -8.35 -12.95
C HIS A 328 -17.37 -7.85 -11.51
N VAL A 329 -18.49 -7.26 -11.10
CA VAL A 329 -18.60 -6.62 -9.79
C VAL A 329 -19.71 -7.31 -8.99
N ASN A 330 -19.44 -7.54 -7.71
CA ASN A 330 -20.42 -8.02 -6.74
C ASN A 330 -20.61 -6.88 -5.75
N TRP A 331 -21.72 -6.16 -5.88
CA TRP A 331 -21.96 -4.96 -5.09
C TRP A 331 -22.31 -5.25 -3.63
N GLY A 332 -22.56 -6.52 -3.28
CA GLY A 332 -22.93 -6.84 -1.91
C GLY A 332 -24.35 -6.48 -1.54
N TRP A 333 -25.26 -6.39 -2.50
CA TRP A 333 -26.66 -6.10 -2.24
C TRP A 333 -27.54 -7.32 -2.48
N GLY A 334 -26.97 -8.52 -2.33
CA GLY A 334 -27.72 -9.73 -2.57
C GLY A 334 -27.90 -10.11 -4.02
N GLY A 335 -27.10 -9.54 -4.92
CA GLY A 335 -27.18 -9.81 -6.33
C GLY A 335 -27.67 -8.64 -7.17
N VAL A 336 -28.22 -7.61 -6.54
CA VAL A 336 -28.81 -6.51 -7.29
C VAL A 336 -27.72 -5.76 -8.07
N SER A 337 -27.96 -5.56 -9.36
CA SER A 337 -27.10 -4.81 -10.26
C SER A 337 -25.74 -5.46 -10.48
N ASP A 338 -25.53 -6.69 -10.05
CA ASP A 338 -24.27 -7.37 -10.33
C ASP A 338 -24.12 -7.57 -11.84
N GLY A 339 -22.88 -7.46 -12.31
CA GLY A 339 -22.61 -7.60 -13.73
C GLY A 339 -21.20 -7.12 -14.04
N PHE A 340 -21.02 -6.74 -15.31
CA PHE A 340 -19.73 -6.30 -15.82
C PHE A 340 -19.70 -4.79 -15.96
N PHE A 341 -18.63 -4.16 -15.47
CA PHE A 341 -18.46 -2.72 -15.50
C PHE A 341 -17.01 -2.39 -15.84
N ARG A 342 -16.81 -1.16 -16.32
CA ARG A 342 -15.47 -0.62 -16.45
C ARG A 342 -15.07 0.06 -15.15
N LEU A 343 -13.75 0.15 -14.93
CA LEU A 343 -13.26 0.63 -13.63
C LEU A 343 -13.53 2.12 -13.43
N ASP A 344 -13.67 2.88 -14.51
CA ASP A 344 -14.01 4.29 -14.42
C ASP A 344 -15.48 4.55 -14.73
N ALA A 345 -16.31 3.51 -14.73
CA ALA A 345 -17.74 3.64 -14.95
C ALA A 345 -18.49 2.68 -14.03
N LEU A 346 -18.21 2.79 -12.73
CA LEU A 346 -18.83 1.92 -11.74
C LEU A 346 -20.16 2.52 -11.28
N ASN A 347 -21.12 2.50 -12.21
CA ASN A 347 -22.45 3.08 -11.99
C ASN A 347 -23.49 1.97 -11.97
N PRO A 348 -23.80 1.40 -10.80
CA PRO A 348 -24.88 0.41 -10.73
C PRO A 348 -26.23 1.07 -10.96
N SER A 349 -27.12 0.32 -11.61
CA SER A 349 -28.47 0.82 -11.88
C SER A 349 -29.27 1.01 -10.60
N ALA A 350 -28.94 0.27 -9.54
CA ALA A 350 -29.65 0.42 -8.27
C ALA A 350 -29.44 1.79 -7.64
N LEU A 351 -28.36 2.49 -8.00
CA LEU A 351 -28.14 3.83 -7.45
C LEU A 351 -29.13 4.81 -8.06
N GLY A 352 -28.98 5.09 -9.36
CA GLY A 352 -29.89 5.91 -10.15
C GLY A 352 -29.35 6.03 -11.57
N GLY A 359 -21.46 7.64 -10.28
CA GLY A 359 -20.88 6.35 -9.95
C GLY A 359 -19.72 6.47 -8.97
N PHE A 360 -19.27 5.33 -8.46
CA PHE A 360 -18.18 5.29 -7.49
C PHE A 360 -16.85 5.28 -8.22
N ASN A 361 -16.58 6.40 -8.90
CA ASN A 361 -15.44 6.51 -9.81
C ASN A 361 -14.34 7.42 -9.29
N GLY A 362 -14.49 8.00 -8.10
CA GLY A 362 -13.46 8.85 -7.54
C GLY A 362 -12.87 8.30 -6.27
N TYR A 363 -11.65 8.74 -5.94
CA TYR A 363 -10.96 8.32 -4.72
C TYR A 363 -10.92 6.79 -4.60
N GLN A 364 -10.67 6.13 -5.72
CA GLN A 364 -10.76 4.68 -5.78
C GLN A 364 -9.55 4.03 -5.11
N SER A 365 -9.80 2.98 -4.36
CA SER A 365 -8.75 2.22 -3.69
C SER A 365 -9.16 0.76 -3.67
N ALA A 366 -8.18 -0.11 -3.40
CA ALA A 366 -8.42 -1.54 -3.45
C ALA A 366 -7.50 -2.24 -2.45
N VAL A 367 -7.90 -3.44 -2.04
CA VAL A 367 -7.09 -4.31 -1.19
C VAL A 367 -6.81 -5.57 -1.98
N VAL A 368 -5.53 -5.86 -2.20
CA VAL A 368 -5.11 -6.98 -3.04
C VAL A 368 -4.23 -7.92 -2.22
N GLY A 369 -3.86 -9.03 -2.84
CA GLY A 369 -3.05 -10.03 -2.17
C GLY A 369 -3.75 -10.73 -1.02
N ILE A 370 -5.08 -10.84 -1.08
CA ILE A 370 -5.85 -11.43 0.00
C ILE A 370 -5.79 -12.95 -0.13
N LYS A 371 -5.08 -13.60 0.78
CA LYS A 371 -4.99 -15.06 0.82
C LYS A 371 -4.53 -15.48 2.21
N PRO A 372 -4.80 -16.73 2.62
CA PRO A 372 -4.31 -17.22 3.91
C PRO A 372 -2.79 -17.27 3.98
N GLN B 120 6.40 5.27 21.86
CA GLN B 120 7.44 5.04 20.87
C GLN B 120 8.65 4.33 21.48
N PRO B 121 9.11 3.26 20.84
CA PRO B 121 10.31 2.59 21.30
C PRO B 121 11.57 3.26 20.76
N VAL B 122 12.68 2.99 21.45
CA VAL B 122 13.97 3.58 21.11
C VAL B 122 14.72 2.61 20.20
N VAL B 123 15.11 3.08 19.02
CA VAL B 123 15.85 2.30 18.04
C VAL B 123 17.00 3.17 17.54
N LYS B 124 18.23 2.80 17.87
CA LYS B 124 19.37 3.51 17.32
C LYS B 124 19.50 3.22 15.83
N SER B 125 20.12 4.17 15.11
CA SER B 125 20.12 4.17 13.66
C SER B 125 20.59 2.82 13.10
N LEU B 126 19.70 2.16 12.36
CA LEU B 126 20.01 0.85 11.81
C LEU B 126 21.08 0.93 10.73
N LEU B 127 21.00 1.94 9.87
CA LEU B 127 21.99 2.06 8.80
C LEU B 127 23.37 2.45 9.35
N ASN B 128 23.40 3.37 10.33
CA ASN B 128 24.67 3.77 10.91
C ASN B 128 25.39 2.59 11.55
N SER B 129 24.62 1.66 12.15
CA SER B 129 25.22 0.49 12.78
CA SER B 129 25.22 0.49 12.78
C SER B 129 25.92 -0.42 11.79
N LYS B 130 25.55 -0.37 10.51
CA LYS B 130 26.19 -1.15 9.47
C LYS B 130 27.14 -0.33 8.61
N GLY B 131 27.31 0.96 8.92
CA GLY B 131 28.23 1.79 8.18
C GLY B 131 27.78 2.19 6.80
N ILE B 132 26.48 2.21 6.55
CA ILE B 132 25.94 2.45 5.22
C ILE B 132 25.68 3.94 5.03
N HIS B 133 26.43 4.56 4.11
CA HIS B 133 26.29 5.98 3.80
C HIS B 133 26.57 6.15 2.31
N TYR B 134 25.51 6.16 1.51
CA TYR B 134 25.63 6.32 0.06
C TYR B 134 25.29 7.74 -0.36
N ASN B 135 25.70 8.08 -1.58
CA ASN B 135 25.46 9.40 -2.15
C ASN B 135 25.00 9.21 -3.60
N GLN B 136 24.87 10.33 -4.33
CA GLN B 136 24.39 10.30 -5.70
C GLN B 136 25.47 10.57 -6.73
N GLY B 137 26.63 11.07 -6.33
CA GLY B 137 27.72 11.34 -7.24
C GLY B 137 28.69 10.18 -7.32
N ASN B 138 29.92 10.50 -7.71
CA ASN B 138 30.96 9.48 -7.77
C ASN B 138 31.26 8.96 -6.38
N PRO B 139 31.57 7.65 -6.23
CA PRO B 139 31.67 6.67 -7.31
C PRO B 139 30.40 5.84 -7.50
N TYR B 140 29.24 6.39 -7.13
CA TYR B 140 28.00 5.66 -7.22
C TYR B 140 27.31 5.78 -8.58
N ASN B 141 27.68 6.78 -9.38
CA ASN B 141 26.98 7.06 -10.64
C ASN B 141 27.85 6.79 -11.87
N LEU B 142 28.84 5.90 -11.74
CA LEU B 142 29.73 5.65 -12.87
C LEU B 142 29.07 4.86 -13.99
N LEU B 143 27.85 4.35 -13.78
CA LEU B 143 27.13 3.61 -14.82
C LEU B 143 25.79 4.24 -15.14
N THR B 144 25.55 5.48 -14.71
CA THR B 144 24.37 6.22 -15.13
C THR B 144 24.59 6.80 -16.52
N PRO B 145 23.52 7.22 -17.21
CA PRO B 145 23.70 7.79 -18.55
C PRO B 145 24.52 9.06 -18.52
N VAL B 146 25.30 9.26 -19.59
CA VAL B 146 26.13 10.44 -19.75
C VAL B 146 25.28 11.54 -20.36
N ILE B 147 25.19 12.68 -19.66
CA ILE B 147 24.37 13.78 -20.13
C ILE B 147 24.89 14.28 -21.47
N GLU B 148 23.97 14.54 -22.40
CA GLU B 148 24.31 14.85 -23.79
C GLU B 148 24.09 16.30 -24.18
N LYS B 149 23.14 17.00 -23.55
CA LYS B 149 22.76 18.33 -23.99
C LYS B 149 22.74 19.31 -22.81
N VAL B 150 22.61 20.59 -23.15
CA VAL B 150 22.52 21.66 -22.17
C VAL B 150 21.07 22.07 -22.03
N LYS B 151 20.61 22.20 -20.80
CA LYS B 151 19.35 22.90 -20.58
C LYS B 151 19.59 24.39 -20.76
N PRO B 152 18.83 25.06 -21.63
CA PRO B 152 19.19 26.40 -22.12
C PRO B 152 19.69 27.38 -21.06
N GLY B 153 18.96 27.53 -19.97
CA GLY B 153 19.32 28.48 -18.93
C GLY B 153 20.35 28.01 -17.93
N GLU B 154 20.76 26.75 -17.98
CA GLU B 154 21.65 26.20 -16.97
C GLU B 154 23.11 26.23 -17.43
N GLN B 155 24.00 26.10 -16.45
CA GLN B 155 25.39 25.74 -16.70
C GLN B 155 25.45 24.32 -17.27
N SER B 156 26.41 24.08 -18.16
CA SER B 156 26.40 22.82 -18.92
C SER B 156 26.93 21.67 -18.08
N PHE B 157 26.33 20.49 -18.27
CA PHE B 157 26.79 19.26 -17.64
C PHE B 157 27.16 18.20 -18.68
N VAL B 158 27.31 18.58 -19.94
CA VAL B 158 27.60 17.60 -20.99
C VAL B 158 28.91 16.91 -20.70
N GLY B 159 28.88 15.58 -20.72
CA GLY B 159 30.03 14.77 -20.39
C GLY B 159 30.04 14.24 -18.96
N GLN B 160 29.12 14.69 -18.12
CA GLN B 160 29.03 14.26 -16.74
C GLN B 160 27.99 13.15 -16.60
N HIS B 161 28.31 12.15 -15.79
CA HIS B 161 27.31 11.14 -15.44
C HIS B 161 26.17 11.78 -14.69
N ALA B 162 24.95 11.39 -15.02
CA ALA B 162 23.79 11.91 -14.32
C ALA B 162 23.79 11.43 -12.87
N ALA B 163 23.01 12.11 -12.04
CA ALA B 163 22.83 11.70 -10.66
C ALA B 163 22.12 10.35 -10.62
N THR B 164 22.47 9.54 -9.62
CA THR B 164 21.78 8.26 -9.44
C THR B 164 20.30 8.47 -9.15
N GLY B 165 19.96 9.57 -8.48
CA GLY B 165 18.60 9.79 -8.03
C GLY B 165 18.43 9.42 -6.57
N CYS B 166 17.72 10.25 -5.82
CA CYS B 166 17.50 9.97 -4.40
C CYS B 166 16.69 8.69 -4.20
N VAL B 167 15.78 8.39 -5.12
CA VAL B 167 14.99 7.17 -5.01
C VAL B 167 15.89 5.94 -5.08
N ALA B 168 16.82 5.94 -6.04
CA ALA B 168 17.72 4.80 -6.17
C ALA B 168 18.73 4.74 -5.04
N THR B 169 19.16 5.89 -4.51
CA THR B 169 20.10 5.89 -3.41
C THR B 169 19.47 5.35 -2.14
N ALA B 170 18.24 5.82 -1.82
CA ALA B 170 17.55 5.33 -0.64
C ALA B 170 17.28 3.83 -0.73
N THR B 171 16.86 3.36 -1.90
CA THR B 171 16.59 1.94 -2.08
C THR B 171 17.87 1.12 -1.97
N ALA B 172 18.97 1.62 -2.53
CA ALA B 172 20.23 0.88 -2.51
C ALA B 172 20.77 0.73 -1.10
N GLN B 173 20.59 1.75 -0.26
CA GLN B 173 21.06 1.66 1.13
C GLN B 173 20.28 0.61 1.90
N ILE B 174 18.97 0.49 1.65
CA ILE B 174 18.19 -0.53 2.32
C ILE B 174 18.53 -1.91 1.78
N MET B 175 18.79 -2.01 0.47
CA MET B 175 19.18 -3.28 -0.12
C MET B 175 20.52 -3.75 0.42
N LYS B 176 21.46 -2.82 0.62
CA LYS B 176 22.73 -3.18 1.22
C LYS B 176 22.57 -3.59 2.68
N TYR B 177 21.60 -3.00 3.38
CA TYR B 177 21.35 -3.40 4.77
C TYR B 177 20.95 -4.86 4.87
N HIS B 178 20.25 -5.39 3.86
CA HIS B 178 19.86 -6.79 3.84
C HIS B 178 20.83 -7.68 3.09
N ASN B 179 21.75 -7.09 2.32
CA ASN B 179 22.67 -7.84 1.45
C ASN B 179 21.89 -8.81 0.57
N TYR B 180 20.87 -8.27 -0.11
CA TYR B 180 19.89 -9.05 -0.85
C TYR B 180 19.41 -8.21 -2.02
N PRO B 181 19.12 -8.83 -3.18
CA PRO B 181 19.22 -10.26 -3.48
C PRO B 181 20.60 -10.72 -3.93
N ASN B 182 20.78 -12.04 -3.94
CA ASN B 182 21.99 -12.61 -4.51
C ASN B 182 21.89 -12.72 -6.02
N LYS B 183 20.69 -12.93 -6.54
CA LYS B 183 20.44 -13.03 -7.97
C LYS B 183 19.23 -12.18 -8.35
N GLY B 184 19.37 -11.43 -9.43
CA GLY B 184 18.23 -10.70 -9.96
C GLY B 184 17.18 -11.64 -10.54
N LEU B 185 15.96 -11.12 -10.67
CA LEU B 185 14.83 -11.93 -11.10
C LEU B 185 14.36 -11.64 -12.51
N LYS B 186 14.17 -10.37 -12.87
CA LYS B 186 13.52 -10.03 -14.12
C LYS B 186 14.15 -8.78 -14.70
N ASP B 187 14.33 -8.77 -16.02
CA ASP B 187 14.87 -7.60 -16.71
C ASP B 187 13.87 -6.45 -16.65
N TYR B 188 14.35 -5.26 -17.02
CA TYR B 188 13.49 -4.08 -17.07
C TYR B 188 13.99 -3.14 -18.16
N THR B 189 13.04 -2.51 -18.86
CA THR B 189 13.32 -1.54 -19.91
C THR B 189 12.25 -0.44 -19.81
N TYR B 190 12.66 0.79 -20.08
CA TYR B 190 11.71 1.90 -20.16
C TYR B 190 12.29 2.97 -21.08
N THR B 191 11.41 3.87 -21.53
CA THR B 191 11.79 4.95 -22.43
C THR B 191 11.74 6.27 -21.66
N LEU B 192 12.82 7.05 -21.76
CA LEU B 192 12.92 8.32 -21.06
C LEU B 192 11.82 9.27 -21.54
N SER B 193 11.36 10.12 -20.62
CA SER B 193 10.38 11.12 -20.99
C SER B 193 10.95 12.04 -22.06
N SER B 194 10.16 12.28 -23.11
CA SER B 194 10.60 13.13 -24.21
C SER B 194 10.70 14.59 -23.84
N ASN B 195 10.19 14.97 -22.66
CA ASN B 195 10.39 16.33 -22.16
C ASN B 195 11.73 16.51 -21.46
N ASN B 196 12.49 15.43 -21.29
CA ASN B 196 13.81 15.51 -20.66
C ASN B 196 14.77 16.28 -21.57
N PRO B 197 15.32 17.41 -21.13
CA PRO B 197 16.15 18.24 -22.00
C PRO B 197 17.62 17.85 -22.07
N TYR B 198 18.05 16.84 -21.32
CA TYR B 198 19.46 16.48 -21.22
C TYR B 198 19.87 15.34 -22.13
N PHE B 199 18.93 14.76 -22.89
CA PHE B 199 19.23 13.62 -23.74
C PHE B 199 18.50 13.74 -25.06
N ASN B 200 19.14 13.24 -26.12
CA ASN B 200 18.47 13.13 -27.41
C ASN B 200 17.42 12.01 -27.34
N HIS B 201 16.30 12.22 -28.03
CA HIS B 201 15.20 11.28 -27.97
C HIS B 201 14.95 10.65 -29.34
N PRO B 202 14.44 9.41 -29.39
CA PRO B 202 14.06 8.56 -28.24
C PRO B 202 15.26 7.92 -27.55
N LYS B 203 15.15 7.74 -26.24
CA LYS B 203 16.23 7.17 -25.43
C LYS B 203 15.65 6.02 -24.60
N ASN B 204 16.10 4.80 -24.90
CA ASN B 204 15.71 3.62 -24.14
C ASN B 204 16.84 3.20 -23.21
N LEU B 205 16.45 2.68 -22.04
CA LEU B 205 17.41 2.21 -21.05
C LEU B 205 17.03 0.80 -20.61
N PHE B 206 18.02 -0.08 -20.55
CA PHE B 206 17.79 -1.50 -20.28
C PHE B 206 18.72 -1.98 -19.18
N ALA B 207 18.17 -2.77 -18.26
CA ALA B 207 18.94 -3.39 -17.19
C ALA B 207 18.64 -4.89 -17.19
N ALA B 208 19.66 -5.69 -17.47
CA ALA B 208 19.53 -7.14 -17.52
C ALA B 208 19.64 -7.70 -16.10
N ILE B 209 18.60 -7.40 -15.31
CA ILE B 209 18.61 -7.78 -13.89
C ILE B 209 18.53 -9.30 -13.74
N SER B 210 17.79 -9.98 -14.62
CA SER B 210 17.63 -11.43 -14.50
C SER B 210 18.94 -12.17 -14.62
N THR B 211 19.98 -11.55 -15.18
CA THR B 211 21.28 -12.16 -15.34
C THR B 211 22.27 -11.70 -14.28
N ARG B 212 21.81 -10.96 -13.27
CA ARG B 212 22.70 -10.28 -12.34
C ARG B 212 22.98 -11.16 -11.12
N GLN B 213 24.26 -11.26 -10.76
CA GLN B 213 24.68 -11.79 -9.47
C GLN B 213 25.41 -10.68 -8.73
N TYR B 214 24.84 -10.24 -7.62
CA TYR B 214 25.41 -9.15 -6.84
C TYR B 214 26.35 -9.70 -5.77
N ASN B 215 27.62 -9.34 -5.86
CA ASN B 215 28.60 -9.71 -4.85
C ASN B 215 28.58 -8.64 -3.76
N TRP B 216 27.94 -8.96 -2.64
CA TRP B 216 27.82 -7.99 -1.55
C TRP B 216 29.08 -7.86 -0.72
N ASN B 217 30.10 -8.67 -0.99
CA ASN B 217 31.43 -8.40 -0.43
C ASN B 217 32.08 -7.22 -1.14
N ASN B 218 31.80 -7.03 -2.43
CA ASN B 218 32.35 -5.93 -3.19
C ASN B 218 31.47 -4.68 -3.15
N ILE B 219 30.20 -4.83 -2.81
CA ILE B 219 29.31 -3.69 -2.64
C ILE B 219 29.47 -3.22 -1.20
N LEU B 220 30.32 -2.21 -1.02
CA LEU B 220 30.76 -1.79 0.30
C LEU B 220 29.70 -0.92 0.99
N PRO B 221 29.73 -0.86 2.32
CA PRO B 221 28.76 0.00 3.03
C PRO B 221 28.95 1.48 2.74
N THR B 222 30.17 1.91 2.44
CA THR B 222 30.43 3.30 2.07
C THR B 222 31.75 3.36 1.32
N TYR B 223 31.97 4.48 0.63
CA TYR B 223 33.12 4.64 -0.24
C TYR B 223 33.84 5.93 0.08
N SER B 224 35.17 5.83 0.24
CA SER B 224 36.01 6.99 0.50
C SER B 224 36.89 7.38 -0.68
N GLY B 225 36.91 6.57 -1.74
CA GLY B 225 37.70 6.85 -2.93
C GLY B 225 38.82 5.86 -3.16
N ARG B 226 39.45 5.38 -2.09
CA ARG B 226 40.56 4.45 -2.20
C ARG B 226 40.15 3.03 -2.53
N GLU B 227 38.89 2.82 -2.92
CA GLU B 227 38.40 1.49 -3.24
C GLU B 227 38.79 1.12 -4.67
N SER B 228 38.90 -0.19 -4.91
CA SER B 228 39.21 -0.69 -6.24
C SER B 228 38.08 -0.41 -7.21
N ASN B 229 38.40 -0.49 -8.50
CA ASN B 229 37.37 -0.35 -9.53
C ASN B 229 36.39 -1.51 -9.50
N VAL B 230 36.78 -2.66 -8.97
CA VAL B 230 35.86 -3.77 -8.80
C VAL B 230 34.76 -3.39 -7.81
N GLN B 231 35.13 -2.73 -6.71
CA GLN B 231 34.16 -2.29 -5.72
C GLN B 231 33.37 -1.07 -6.20
N LYS B 232 34.00 -0.20 -6.99
CA LYS B 232 33.30 0.99 -7.48
C LYS B 232 32.29 0.61 -8.56
N MET B 233 32.67 -0.27 -9.48
CA MET B 233 31.73 -0.72 -10.50
C MET B 233 30.62 -1.58 -9.91
N ALA B 234 30.87 -2.20 -8.74
CA ALA B 234 29.84 -3.03 -8.13
C ALA B 234 28.69 -2.18 -7.58
N ILE B 235 29.02 -1.13 -6.84
CA ILE B 235 27.97 -0.22 -6.37
C ILE B 235 27.40 0.57 -7.54
N SER B 236 28.22 0.84 -8.57
CA SER B 236 27.71 1.56 -9.73
C SER B 236 26.65 0.76 -10.46
N GLU B 237 26.87 -0.55 -10.59
CA GLU B 237 25.90 -1.40 -11.27
C GLU B 237 24.61 -1.52 -10.47
N LEU B 238 24.72 -1.60 -9.14
CA LEU B 238 23.53 -1.65 -8.29
C LEU B 238 22.72 -0.37 -8.42
N MET B 239 23.39 0.78 -8.37
CA MET B 239 22.70 2.06 -8.50
C MET B 239 22.04 2.19 -9.86
N ALA B 240 22.72 1.74 -10.92
CA ALA B 240 22.16 1.86 -12.26
C ALA B 240 20.98 0.92 -12.45
N ASP B 241 21.07 -0.30 -11.92
CA ASP B 241 19.97 -1.26 -12.04
C ASP B 241 18.73 -0.78 -11.29
N VAL B 242 18.91 -0.25 -10.08
CA VAL B 242 17.78 0.20 -9.29
C VAL B 242 17.13 1.42 -9.93
N GLY B 243 17.94 2.39 -10.37
CA GLY B 243 17.40 3.58 -10.99
C GLY B 243 16.61 3.28 -12.25
N ILE B 244 17.10 2.33 -13.06
CA ILE B 244 16.36 1.94 -14.26
C ILE B 244 15.04 1.28 -13.87
N SER B 245 15.04 0.48 -12.79
CA SER B 245 13.83 -0.23 -12.39
C SER B 245 12.74 0.71 -11.90
N VAL B 246 13.07 1.95 -11.55
CA VAL B 246 12.09 2.92 -11.08
C VAL B 246 11.86 4.03 -12.11
N ASP B 247 12.19 3.77 -13.38
CA ASP B 247 11.95 4.70 -14.48
C ASP B 247 12.56 6.07 -14.20
N MET B 248 13.85 6.07 -13.85
CA MET B 248 14.51 7.30 -13.43
C MET B 248 14.62 8.28 -14.59
N ASP B 249 14.19 9.53 -14.35
CA ASP B 249 14.35 10.63 -15.30
C ASP B 249 15.69 11.28 -15.00
N TYR B 250 16.73 10.79 -15.67
CA TYR B 250 18.10 11.14 -15.33
C TYR B 250 18.43 12.59 -15.73
N GLY B 251 19.41 13.16 -15.02
CA GLY B 251 19.88 14.50 -15.28
C GLY B 251 20.88 14.92 -14.23
N PRO B 252 21.25 16.21 -14.22
CA PRO B 252 22.06 16.73 -13.10
C PRO B 252 21.44 16.42 -11.76
N SER B 253 20.13 16.54 -11.66
CA SER B 253 19.33 15.90 -10.63
C SER B 253 18.42 14.89 -11.30
N SER B 254 18.21 13.75 -10.67
CA SER B 254 17.47 12.64 -11.28
C SER B 254 16.21 12.34 -10.48
N GLY B 255 15.07 12.36 -11.16
CA GLY B 255 13.79 12.18 -10.49
C GLY B 255 13.07 10.90 -10.86
N SER B 256 12.17 10.47 -9.98
CA SER B 256 11.38 9.25 -10.19
C SER B 256 10.12 9.34 -9.36
N ALA B 257 9.10 8.58 -9.78
CA ALA B 257 7.82 8.58 -9.08
C ALA B 257 7.97 8.10 -7.64
N GLY B 258 8.88 7.18 -7.40
CA GLY B 258 9.25 6.82 -6.02
C GLY B 258 8.46 5.62 -5.52
N SER B 259 7.70 5.82 -4.44
CA SER B 259 7.09 4.72 -3.69
C SER B 259 6.47 3.65 -4.58
N SER B 260 5.57 4.03 -5.49
CA SER B 260 4.86 3.05 -6.30
C SER B 260 5.82 2.21 -7.15
N ARG B 261 6.89 2.82 -7.65
CA ARG B 261 7.86 2.07 -8.45
C ARG B 261 8.74 1.20 -7.57
N VAL B 262 9.13 1.71 -6.40
CA VAL B 262 10.06 1.00 -5.54
C VAL B 262 9.45 -0.32 -5.07
N GLN B 263 8.19 -0.29 -4.63
CA GLN B 263 7.56 -1.49 -4.11
C GLN B 263 7.43 -2.55 -5.20
N ARG B 264 7.17 -2.14 -6.44
CA ARG B 264 7.10 -3.11 -7.53
C ARG B 264 8.48 -3.64 -7.90
N ALA B 265 9.49 -2.77 -7.94
CA ALA B 265 10.82 -3.20 -8.32
C ALA B 265 11.41 -4.19 -7.31
N LEU B 266 11.20 -3.94 -6.02
CA LEU B 266 11.77 -4.81 -4.99
C LEU B 266 11.23 -6.22 -5.11
N LYS B 267 9.95 -6.36 -5.43
CA LYS B 267 9.29 -7.66 -5.48
C LYS B 267 9.47 -8.36 -6.81
N GLU B 268 9.18 -7.66 -7.92
CA GLU B 268 9.19 -8.31 -9.22
C GLU B 268 10.59 -8.47 -9.79
N ASN B 269 11.44 -7.46 -9.62
CA ASN B 269 12.77 -7.49 -10.22
C ASN B 269 13.85 -8.00 -9.28
N PHE B 270 13.75 -7.71 -7.98
CA PHE B 270 14.78 -8.08 -7.02
C PHE B 270 14.33 -9.13 -6.01
N GLY B 271 13.08 -9.61 -6.12
CA GLY B 271 12.65 -10.77 -5.37
C GLY B 271 12.56 -10.60 -3.86
N TYR B 272 12.18 -9.42 -3.39
CA TYR B 272 11.94 -9.24 -1.96
C TYR B 272 10.61 -9.89 -1.58
N ASN B 273 10.32 -9.90 -0.28
CA ASN B 273 9.13 -10.56 0.25
C ASN B 273 7.86 -9.88 -0.27
N GLN B 274 6.76 -10.65 -0.27
CA GLN B 274 5.47 -10.10 -0.66
CA GLN B 274 5.47 -10.10 -0.66
C GLN B 274 4.91 -9.13 0.38
N SER B 275 5.52 -9.03 1.56
CA SER B 275 5.13 -8.05 2.56
C SER B 275 5.48 -6.62 2.13
N VAL B 276 6.28 -6.46 1.08
CA VAL B 276 6.65 -5.13 0.61
C VAL B 276 5.43 -4.45 0.00
N HIS B 277 5.13 -3.24 0.46
CA HIS B 277 4.04 -2.47 -0.10
C HIS B 277 4.18 -1.01 0.30
N GLN B 278 3.52 -0.14 -0.47
CA GLN B 278 3.52 1.30 -0.22
C GLN B 278 2.35 1.67 0.68
N ILE B 279 2.60 2.58 1.62
CA ILE B 279 1.57 3.15 2.48
C ILE B 279 1.60 4.66 2.32
N ASN B 280 0.41 5.26 2.21
CA ASN B 280 0.27 6.69 2.00
C ASN B 280 -0.13 7.37 3.31
N ARG B 281 0.50 8.51 3.59
CA ARG B 281 0.25 9.23 4.85
C ARG B 281 -1.21 9.63 4.98
N SER B 282 -1.86 9.98 3.87
CA SER B 282 -3.24 10.47 3.92
C SER B 282 -4.23 9.38 4.32
N ASP B 283 -3.83 8.11 4.35
CA ASP B 283 -4.72 7.01 4.65
C ASP B 283 -4.78 6.67 6.14
N PHE B 284 -4.00 7.35 6.98
CA PHE B 284 -3.86 6.94 8.37
C PHE B 284 -3.89 8.15 9.28
N SER B 285 -4.25 7.89 10.54
CA SER B 285 -4.03 8.87 11.59
C SER B 285 -2.54 9.04 11.85
N LYS B 286 -2.18 10.13 12.52
CA LYS B 286 -0.79 10.34 12.88
C LYS B 286 -0.29 9.23 13.80
N GLN B 287 -1.12 8.81 14.75
CA GLN B 287 -0.72 7.72 15.65
C GLN B 287 -0.58 6.41 14.91
N ASP B 288 -1.50 6.10 13.99
CA ASP B 288 -1.41 4.86 13.25
C ASP B 288 -0.29 4.88 12.22
N TRP B 289 -0.02 6.05 11.63
CA TRP B 289 1.11 6.18 10.71
C TRP B 289 2.42 5.91 11.42
N GLU B 290 2.62 6.52 12.59
CA GLU B 290 3.83 6.28 13.36
C GLU B 290 3.91 4.85 13.87
N ALA B 291 2.77 4.23 14.18
CA ALA B 291 2.77 2.83 14.59
C ALA B 291 3.28 1.93 13.48
N GLN B 292 3.02 2.29 12.22
CA GLN B 292 3.58 1.53 11.10
C GLN B 292 5.10 1.62 11.10
N ILE B 293 5.63 2.84 11.22
CA ILE B 293 7.08 3.02 11.22
C ILE B 293 7.71 2.34 12.42
N ASP B 294 7.08 2.46 13.59
CA ASP B 294 7.64 1.90 14.81
C ASP B 294 7.74 0.38 14.74
N LYS B 295 6.73 -0.27 14.16
CA LYS B 295 6.75 -1.72 14.05
C LYS B 295 7.87 -2.20 13.12
N GLU B 296 8.07 -1.49 12.00
CA GLU B 296 9.15 -1.84 11.08
C GLU B 296 10.50 -1.72 11.75
N LEU B 297 10.74 -0.58 12.43
CA LEU B 297 12.03 -0.37 13.08
C LEU B 297 12.28 -1.39 14.18
N SER B 298 11.24 -1.74 14.94
CA SER B 298 11.38 -2.75 15.98
CA SER B 298 11.37 -2.76 15.97
C SER B 298 11.66 -4.13 15.39
N GLN B 299 11.38 -4.33 14.10
CA GLN B 299 11.69 -5.57 13.40
C GLN B 299 13.03 -5.51 12.67
N ASN B 300 13.85 -4.51 12.98
CA ASN B 300 15.16 -4.31 12.34
C ASN B 300 15.02 -4.16 10.82
N GLN B 301 14.05 -3.35 10.40
CA GLN B 301 13.76 -3.15 8.98
C GLN B 301 13.67 -1.66 8.67
N PRO B 302 14.70 -1.09 8.05
CA PRO B 302 14.63 0.31 7.63
C PRO B 302 13.47 0.56 6.69
N VAL B 303 13.03 1.81 6.63
CA VAL B 303 11.81 2.20 5.94
C VAL B 303 12.18 3.21 4.85
N TYR B 304 11.80 2.91 3.61
CA TYR B 304 11.85 3.91 2.55
C TYR B 304 10.78 4.97 2.81
N TYR B 305 11.12 6.22 2.56
CA TYR B 305 10.22 7.33 2.86
C TYR B 305 10.42 8.42 1.82
N GLN B 306 9.37 9.20 1.58
CA GLN B 306 9.45 10.29 0.62
C GLN B 306 8.36 11.31 0.92
N GLY B 307 8.62 12.55 0.49
CA GLY B 307 7.68 13.64 0.65
C GLY B 307 7.98 14.74 -0.35
N VAL B 308 7.08 15.72 -0.41
CA VAL B 308 7.14 16.81 -1.38
C VAL B 308 7.16 18.14 -0.64
N GLY B 309 8.00 19.06 -1.11
CA GLY B 309 8.02 20.41 -0.59
C GLY B 309 8.06 21.46 -1.68
N LYS B 310 8.43 22.69 -1.33
CA LYS B 310 8.42 23.78 -2.31
C LYS B 310 9.43 23.55 -3.42
N VAL B 311 10.64 23.10 -3.07
CA VAL B 311 11.69 22.94 -4.07
C VAL B 311 11.66 21.52 -4.64
N GLY B 312 10.57 20.81 -4.40
CA GLY B 312 10.36 19.51 -4.99
C GLY B 312 10.35 18.40 -3.95
N GLY B 313 10.37 17.16 -4.46
CA GLY B 313 10.32 15.99 -3.62
C GLY B 313 11.68 15.34 -3.43
N HIS B 314 11.75 14.47 -2.43
CA HIS B 314 12.99 13.80 -2.08
C HIS B 314 12.66 12.45 -1.47
N ALA B 315 13.53 11.48 -1.71
CA ALA B 315 13.41 10.15 -1.13
C ALA B 315 14.57 9.91 -0.17
N PHE B 316 14.29 9.20 0.92
CA PHE B 316 15.26 9.01 1.98
C PHE B 316 14.86 7.78 2.78
N VAL B 317 15.63 7.52 3.85
CA VAL B 317 15.46 6.32 4.66
C VAL B 317 15.22 6.75 6.10
N ILE B 318 14.20 6.16 6.73
CA ILE B 318 13.95 6.29 8.16
C ILE B 318 14.47 5.03 8.84
N ASP B 319 15.43 5.17 9.74
CA ASP B 319 16.08 4.00 10.32
C ASP B 319 16.28 4.09 11.84
N GLY B 320 15.59 5.00 12.51
CA GLY B 320 15.77 5.14 13.95
C GLY B 320 14.64 5.93 14.57
N ALA B 321 14.62 5.92 15.90
CA ALA B 321 13.60 6.60 16.69
C ALA B 321 14.11 6.78 18.11
N ASP B 322 13.83 7.93 18.72
CA ASP B 322 14.32 8.24 20.05
C ASP B 322 13.25 8.12 21.13
N GLY B 323 12.10 7.52 20.83
CA GLY B 323 11.07 7.33 21.81
C GLY B 323 10.22 8.54 22.12
N ARG B 324 10.47 9.68 21.47
CA ARG B 324 9.72 10.90 21.71
C ARG B 324 9.30 11.55 20.40
N ASN B 325 8.82 10.73 19.46
CA ASN B 325 8.25 11.16 18.18
C ASN B 325 9.26 11.85 17.27
N PHE B 326 10.54 11.57 17.44
CA PHE B 326 11.58 11.97 16.50
C PHE B 326 12.16 10.72 15.84
N TYR B 327 12.47 10.81 14.56
CA TYR B 327 12.98 9.68 13.80
C TYR B 327 14.30 10.05 13.13
N HIS B 328 15.23 9.10 13.13
CA HIS B 328 16.53 9.33 12.49
C HIS B 328 16.39 9.16 10.98
N VAL B 329 16.93 10.12 10.23
CA VAL B 329 16.78 10.18 8.78
C VAL B 329 18.16 10.09 8.13
N ASN B 330 18.25 9.25 7.10
CA ASN B 330 19.42 9.16 6.22
C ASN B 330 18.99 9.73 4.87
N TRP B 331 19.41 10.97 4.59
CA TRP B 331 18.90 11.68 3.42
C TRP B 331 19.47 11.16 2.10
N GLY B 332 20.52 10.35 2.12
CA GLY B 332 21.13 9.89 0.89
C GLY B 332 22.05 10.89 0.24
N TRP B 333 22.51 11.90 0.98
CA TRP B 333 23.49 12.87 0.49
C TRP B 333 24.87 12.62 1.08
N GLY B 334 25.20 11.35 1.33
CA GLY B 334 26.50 11.02 1.87
C GLY B 334 26.71 11.41 3.31
N GLY B 335 25.65 11.75 4.04
CA GLY B 335 25.74 12.09 5.45
C GLY B 335 25.31 13.51 5.80
N VAL B 336 25.24 14.41 4.83
CA VAL B 336 24.87 15.80 5.12
C VAL B 336 23.45 15.85 5.67
N SER B 337 23.27 16.59 6.76
CA SER B 337 21.98 16.89 7.38
C SER B 337 21.30 15.68 8.00
N ASP B 338 21.96 14.53 8.04
CA ASP B 338 21.38 13.36 8.70
C ASP B 338 21.23 13.61 10.20
N GLY B 339 20.12 13.15 10.75
CA GLY B 339 19.83 13.37 12.17
C GLY B 339 18.41 12.99 12.49
N PHE B 340 17.91 13.55 13.59
CA PHE B 340 16.59 13.23 14.12
C PHE B 340 15.60 14.32 13.75
N PHE B 341 14.44 13.91 13.23
CA PHE B 341 13.41 14.83 12.78
C PHE B 341 12.03 14.27 13.13
N ARG B 342 11.06 15.17 13.27
CA ARG B 342 9.66 14.76 13.33
C ARG B 342 9.13 14.53 11.93
N LEU B 343 8.09 13.71 11.83
CA LEU B 343 7.60 13.30 10.51
C LEU B 343 6.94 14.46 9.77
N ASP B 344 6.41 15.45 10.48
CA ASP B 344 5.95 16.70 9.89
C ASP B 344 6.96 17.82 10.06
N ALA B 345 8.21 17.48 10.41
CA ALA B 345 9.33 18.41 10.51
C ALA B 345 10.53 17.86 9.76
N LEU B 346 10.28 17.44 8.52
CA LEU B 346 11.31 16.81 7.68
C LEU B 346 12.00 17.90 6.87
N ASN B 347 12.88 18.64 7.54
CA ASN B 347 13.45 19.89 7.02
C ASN B 347 14.96 19.87 7.20
N PRO B 348 15.69 19.18 6.33
CA PRO B 348 17.15 19.17 6.44
C PRO B 348 17.73 20.54 6.14
N SER B 349 18.83 20.86 6.83
CA SER B 349 19.46 22.17 6.69
C SER B 349 20.16 22.36 5.34
N ALA B 350 20.37 21.28 4.58
CA ALA B 350 20.89 21.41 3.23
C ALA B 350 19.92 22.13 2.29
N LEU B 351 18.68 22.35 2.71
CA LEU B 351 17.73 23.08 1.89
C LEU B 351 18.08 24.56 1.79
N GLY B 352 18.95 25.06 2.67
CA GLY B 352 19.40 26.43 2.56
C GLY B 352 18.29 27.43 2.80
N THR B 353 18.22 28.45 1.95
CA THR B 353 17.19 29.46 2.03
C THR B 353 15.81 28.91 1.71
N GLY B 354 15.71 27.72 1.11
CA GLY B 354 14.44 27.10 0.86
C GLY B 354 13.85 26.35 2.04
N GLY B 355 14.54 26.34 3.17
CA GLY B 355 14.05 25.61 4.33
C GLY B 355 12.73 26.16 4.84
N GLY B 356 11.99 25.30 5.53
CA GLY B 356 10.66 25.65 5.99
C GLY B 356 9.58 25.01 5.14
N ALA B 357 9.07 25.76 4.16
CA ALA B 357 8.12 25.19 3.21
C ALA B 357 8.81 24.22 2.25
N GLY B 358 10.12 24.33 2.09
CA GLY B 358 10.87 23.33 1.34
C GLY B 358 10.97 21.98 2.01
N GLY B 359 10.62 21.90 3.30
CA GLY B 359 10.59 20.61 3.96
C GLY B 359 9.63 19.66 3.26
N PHE B 360 10.01 18.39 3.20
CA PHE B 360 9.27 17.38 2.45
C PHE B 360 8.13 16.83 3.31
N ASN B 361 7.14 17.70 3.54
CA ASN B 361 6.04 17.41 4.45
C ASN B 361 4.74 17.07 3.74
N GLY B 362 4.67 17.21 2.42
CA GLY B 362 3.45 17.01 1.66
C GLY B 362 3.49 15.72 0.87
N TYR B 363 2.31 15.13 0.66
CA TYR B 363 2.13 13.93 -0.15
C TYR B 363 3.11 12.83 0.28
N GLN B 364 3.22 12.63 1.59
CA GLN B 364 4.17 11.68 2.13
C GLN B 364 3.68 10.25 1.91
N SER B 365 4.61 9.39 1.52
CA SER B 365 4.37 7.96 1.38
C SER B 365 5.62 7.22 1.82
N ALA B 366 5.49 5.90 1.93
CA ALA B 366 6.58 5.07 2.42
C ALA B 366 6.42 3.66 1.88
N VAL B 367 7.51 2.90 1.92
CA VAL B 367 7.50 1.48 1.57
C VAL B 367 7.95 0.70 2.80
N VAL B 368 7.07 -0.14 3.33
CA VAL B 368 7.35 -0.92 4.52
C VAL B 368 7.38 -2.40 4.18
N GLY B 369 7.62 -3.24 5.18
CA GLY B 369 7.69 -4.67 4.96
C GLY B 369 8.85 -5.13 4.12
N ILE B 370 9.91 -4.33 4.01
CA ILE B 370 11.04 -4.66 3.15
C ILE B 370 11.91 -5.68 3.87
N LYS B 371 11.93 -6.90 3.35
CA LYS B 371 12.78 -7.97 3.87
C LYS B 371 12.86 -9.06 2.81
N PRO B 372 13.90 -9.89 2.86
CA PRO B 372 14.07 -10.92 1.80
C PRO B 372 12.96 -11.94 1.81
N LEU B 373 12.86 -12.63 0.66
CA LEU B 373 12.00 -13.80 0.33
C LEU B 373 11.18 -13.49 -0.92
#